data_1QZZ
#
_entry.id   1QZZ
#
_cell.length_a   63.120
_cell.length_b   92.130
_cell.length_c   115.330
_cell.angle_alpha   90.00
_cell.angle_beta   90.00
_cell.angle_gamma   90.00
#
_symmetry.space_group_name_H-M   'C 2 2 21'
#
loop_
_entity.id
_entity.type
_entity.pdbx_description
1 polymer aclacinomycin-10-hydroxylase
2 non-polymer 'ACETATE ION'
3 non-polymer S-ADENOSYLMETHIONINE
4 water water
#
_entity_poly.entity_id   1
_entity_poly.type   'polypeptide(L)'
_entity_poly.pdbx_seq_one_letter_code
;MSSSSPGEPLEPTDQDLDVLLKNLGNLVTPMALRVAATLRLVDHLLAGADTLAGLADRTDTHPQALSRLVRHLTVVGVLE
GGEKQGRPLRPTRLGMLLADGHPAQQRAWLDLNGAVSHADLAFTGLLDVVRTGRPAYAGRYGRPFWEDLSADVALADSFD
ALMSCDEDLAYEAPADAYDWSAVRHVLDVGGGNGGMLAAIALRAPHLRGTLVELAGPAERARRRFADAGLADRVTVAEGD
FFKPLPVTADVVLLSFVLLNWSDEDALTILRGCVRALEPGGRLLVLDRADVEGDGADRFFSTLLDLRMLTFMGGRVRTRD
EVVDLAGSAGLALASERTSGSTTLPFDFSILEFTAVSEEAAPAAQASEALPAQE
;
_entity_poly.pdbx_strand_id   A
#
loop_
_chem_comp.id
_chem_comp.type
_chem_comp.name
_chem_comp.formula
ACT non-polymer 'ACETATE ION' 'C2 H3 O2 -1'
SAM non-polymer S-ADENOSYLMETHIONINE 'C15 H22 N6 O5 S'
#
# COMPACT_ATOMS: atom_id res chain seq x y z
N LEU A 10 32.21 19.13 13.29
CA LEU A 10 31.49 18.55 14.43
C LEU A 10 32.15 17.24 14.85
N GLU A 11 32.07 16.95 16.16
CA GLU A 11 32.63 15.74 16.75
C GLU A 11 31.54 14.90 17.37
N PRO A 12 31.33 13.70 16.84
CA PRO A 12 30.30 12.80 17.36
C PRO A 12 30.56 12.45 18.82
N THR A 13 29.49 12.38 19.61
CA THR A 13 29.62 11.97 20.99
C THR A 13 29.51 10.45 21.04
N ASP A 14 29.73 9.87 22.22
CA ASP A 14 29.62 8.42 22.40
C ASP A 14 28.16 8.05 22.22
N GLN A 15 27.28 8.99 22.56
CA GLN A 15 25.85 8.79 22.46
C GLN A 15 25.44 8.71 21.00
N ASP A 16 26.12 9.49 20.17
CA ASP A 16 25.85 9.50 18.75
C ASP A 16 26.18 8.10 18.22
N LEU A 17 27.36 7.61 18.58
CA LEU A 17 27.81 6.30 18.12
C LEU A 17 26.86 5.18 18.56
N ASP A 18 26.43 5.25 19.81
CA ASP A 18 25.51 4.27 20.37
C ASP A 18 24.19 4.28 19.61
N VAL A 19 23.66 5.47 19.33
CA VAL A 19 22.40 5.59 18.62
C VAL A 19 22.52 5.05 17.19
N LEU A 20 23.67 5.27 16.56
CA LEU A 20 23.91 4.76 15.23
C LEU A 20 23.95 3.22 15.24
N LEU A 21 24.68 2.65 16.20
CA LEU A 21 24.83 1.20 16.32
C LEU A 21 23.56 0.42 16.72
N LYS A 22 22.79 0.97 17.64
CA LYS A 22 21.59 0.30 18.14
C LYS A 22 20.36 0.61 17.33
N ASN A 23 20.36 1.78 16.70
CA ASN A 23 19.16 2.24 16.02
C ASN A 23 19.33 2.42 14.50
N LEU A 24 19.88 3.57 14.12
CA LEU A 24 19.84 4.02 12.73
C LEU A 24 20.50 3.09 11.75
N GLY A 25 21.61 2.49 12.14
CA GLY A 25 22.35 1.60 11.28
C GLY A 25 22.07 0.13 11.57
N ASN A 26 21.19 -0.10 12.53
CA ASN A 26 20.83 -1.44 12.99
C ASN A 26 19.85 -2.17 12.05
N LEU A 27 20.36 -3.12 11.29
CA LEU A 27 19.53 -3.87 10.34
C LEU A 27 19.14 -5.23 10.90
N VAL A 28 19.78 -5.60 12.00
CA VAL A 28 19.55 -6.90 12.61
C VAL A 28 18.27 -6.94 13.43
N THR A 29 18.09 -5.95 14.29
CA THR A 29 16.93 -5.89 15.15
C THR A 29 15.59 -5.87 14.37
N PRO A 30 15.44 -5.00 13.38
CA PRO A 30 14.19 -4.99 12.60
C PRO A 30 13.90 -6.36 11.93
N MET A 31 14.94 -7.15 11.59
CA MET A 31 14.66 -8.48 11.04
C MET A 31 14.21 -9.40 12.19
N ALA A 32 14.82 -9.25 13.35
CA ALA A 32 14.41 -10.03 14.51
C ALA A 32 12.96 -9.74 14.83
N LEU A 33 12.55 -8.48 14.74
CA LEU A 33 11.14 -8.16 14.97
C LEU A 33 10.26 -8.84 13.95
N ARG A 34 10.68 -8.85 12.68
CA ARG A 34 9.91 -9.48 11.63
C ARG A 34 9.84 -11.00 11.84
N VAL A 35 10.95 -11.61 12.22
CA VAL A 35 10.90 -13.05 12.50
C VAL A 35 9.99 -13.29 13.72
N ALA A 36 10.08 -12.41 14.71
CA ALA A 36 9.24 -12.56 15.90
C ALA A 36 7.75 -12.47 15.55
N ALA A 37 7.37 -11.49 14.75
CA ALA A 37 5.98 -11.36 14.34
C ALA A 37 5.51 -12.55 13.50
N THR A 38 6.36 -13.00 12.59
CA THR A 38 6.01 -14.05 11.63
C THR A 38 5.74 -15.40 12.29
N LEU A 39 6.47 -15.64 13.37
CA LEU A 39 6.40 -16.87 14.15
C LEU A 39 5.31 -16.81 15.21
N ARG A 40 4.63 -15.67 15.30
CA ARG A 40 3.57 -15.45 16.29
C ARG A 40 4.09 -15.73 17.69
N LEU A 41 5.38 -15.51 17.86
CA LEU A 41 6.08 -15.71 19.12
C LEU A 41 5.30 -15.13 20.29
N VAL A 42 4.89 -13.89 20.16
CA VAL A 42 4.21 -13.26 21.25
C VAL A 42 2.86 -13.90 21.56
N ASP A 43 2.16 -14.30 20.50
CA ASP A 43 0.87 -15.00 20.67
C ASP A 43 1.09 -16.32 21.39
N HIS A 44 2.11 -17.07 20.97
CA HIS A 44 2.37 -18.37 21.58
C HIS A 44 2.74 -18.24 23.05
N LEU A 45 3.43 -17.15 23.41
CA LEU A 45 3.76 -16.95 24.80
C LEU A 45 2.50 -16.63 25.62
N LEU A 46 1.66 -15.79 25.07
CA LEU A 46 0.45 -15.37 25.76
C LEU A 46 -0.55 -16.49 25.95
N ALA A 47 -0.42 -17.51 25.09
CA ALA A 47 -1.26 -18.69 25.14
C ALA A 47 -0.69 -19.77 26.07
N GLY A 48 0.37 -19.44 26.82
CA GLY A 48 0.91 -20.42 27.75
C GLY A 48 2.34 -20.86 27.61
N ALA A 49 2.92 -20.76 26.42
CA ALA A 49 4.34 -21.09 26.31
C ALA A 49 5.14 -20.12 27.19
N ASP A 50 6.09 -20.65 27.96
CA ASP A 50 6.89 -19.79 28.79
C ASP A 50 8.32 -20.34 28.91
N THR A 51 8.63 -21.31 28.06
CA THR A 51 9.98 -21.84 28.00
C THR A 51 10.43 -21.87 26.54
N LEU A 52 11.73 -21.86 26.33
CA LEU A 52 12.30 -21.91 24.99
C LEU A 52 11.90 -23.17 24.21
N ALA A 53 11.95 -24.33 24.86
CA ALA A 53 11.69 -25.56 24.15
C ALA A 53 10.23 -25.56 23.80
N GLY A 54 9.46 -24.94 24.68
CA GLY A 54 8.02 -24.81 24.49
C GLY A 54 7.70 -23.96 23.27
N LEU A 55 8.30 -22.78 23.19
CA LEU A 55 8.13 -21.90 22.04
C LEU A 55 8.64 -22.58 20.76
N ALA A 56 9.80 -23.20 20.86
CA ALA A 56 10.41 -23.89 19.71
C ALA A 56 9.50 -24.96 19.16
N ASP A 57 8.97 -25.78 20.06
CA ASP A 57 8.04 -26.84 19.67
C ASP A 57 6.86 -26.27 18.90
N ARG A 58 6.26 -25.20 19.41
CA ARG A 58 5.11 -24.60 18.75
C ARG A 58 5.44 -23.88 17.43
N THR A 59 6.69 -23.45 17.24
CA THR A 59 7.05 -22.74 16.01
C THR A 59 7.81 -23.61 15.03
N ASP A 60 8.10 -24.84 15.41
CA ASP A 60 8.92 -25.72 14.56
C ASP A 60 10.24 -25.03 14.25
N THR A 61 10.83 -24.39 15.25
CA THR A 61 12.11 -23.71 15.03
C THR A 61 13.25 -24.43 15.71
N HIS A 62 14.45 -24.11 15.27
CA HIS A 62 15.66 -24.67 15.85
C HIS A 62 15.84 -24.12 17.26
N PRO A 63 15.77 -24.99 18.26
CA PRO A 63 15.80 -24.55 19.66
C PRO A 63 16.95 -23.60 19.97
N GLN A 64 18.16 -23.92 19.55
CA GLN A 64 19.27 -23.05 19.87
C GLN A 64 19.18 -21.71 19.15
N ALA A 65 18.91 -21.76 17.85
CA ALA A 65 18.79 -20.52 17.09
C ALA A 65 17.70 -19.61 17.67
N LEU A 66 16.59 -20.19 18.07
CA LEU A 66 15.48 -19.44 18.64
C LEU A 66 15.88 -18.79 19.95
N SER A 67 16.63 -19.53 20.77
CA SER A 67 17.10 -18.97 22.04
C SER A 67 17.92 -17.73 21.76
N ARG A 68 18.68 -17.76 20.69
CA ARG A 68 19.53 -16.64 20.31
C ARG A 68 18.72 -15.45 19.81
N LEU A 69 17.64 -15.72 19.08
CA LEU A 69 16.74 -14.66 18.66
C LEU A 69 16.06 -14.13 19.92
N VAL A 70 15.71 -15.04 20.81
CA VAL A 70 15.03 -14.66 22.03
C VAL A 70 15.89 -13.83 22.97
N ARG A 71 17.19 -14.15 23.10
CA ARG A 71 18.06 -13.31 23.93
C ARG A 71 18.07 -11.91 23.35
N HIS A 72 18.22 -11.83 22.02
CA HIS A 72 18.27 -10.51 21.39
C HIS A 72 16.98 -9.72 21.60
N LEU A 73 15.86 -10.38 21.42
CA LEU A 73 14.56 -9.77 21.61
C LEU A 73 14.37 -9.30 23.04
N THR A 74 15.08 -9.94 23.97
CA THR A 74 15.02 -9.57 25.37
C THR A 74 15.85 -8.31 25.60
N VAL A 75 17.07 -8.31 25.10
CA VAL A 75 17.93 -7.13 25.23
C VAL A 75 17.27 -5.88 24.66
N VAL A 76 16.67 -6.01 23.50
CA VAL A 76 16.06 -4.85 22.85
C VAL A 76 14.67 -4.48 23.37
N GLY A 77 14.16 -5.23 24.35
CA GLY A 77 12.93 -4.87 25.03
C GLY A 77 11.58 -5.36 24.52
N VAL A 78 11.57 -6.45 23.77
CA VAL A 78 10.35 -6.99 23.19
C VAL A 78 9.82 -8.13 24.05
N LEU A 79 10.74 -8.90 24.60
CA LEU A 79 10.44 -10.01 25.47
C LEU A 79 11.16 -9.76 26.78
N GLU A 80 10.77 -10.48 27.82
CA GLU A 80 11.45 -10.40 29.09
C GLU A 80 11.39 -11.76 29.78
N GLY A 81 12.08 -11.89 30.91
CA GLY A 81 12.08 -13.15 31.63
C GLY A 81 12.95 -14.19 30.97
N GLY A 82 12.89 -15.42 31.48
CA GLY A 82 13.73 -16.50 30.98
C GLY A 82 15.16 -16.31 31.47
N GLU A 83 15.29 -15.70 32.65
CA GLU A 83 16.58 -15.36 33.27
C GLU A 83 17.60 -16.47 33.29
N LYS A 84 17.35 -17.54 32.52
CA LYS A 84 18.20 -18.71 32.57
C LYS A 84 17.98 -19.27 33.97
N GLY A 86 15.53 -18.59 36.40
CA GLY A 86 14.43 -19.51 36.22
C GLY A 86 13.12 -18.81 36.00
N ARG A 87 13.18 -17.55 35.55
CA ARG A 87 11.98 -16.76 35.30
C ARG A 87 11.31 -17.18 34.00
N PRO A 88 10.01 -16.93 33.90
CA PRO A 88 9.22 -17.26 32.71
C PRO A 88 9.34 -16.27 31.55
N LEU A 89 9.50 -16.80 30.35
CA LEU A 89 9.59 -16.01 29.13
C LEU A 89 8.24 -15.36 28.84
N ARG A 90 8.26 -14.06 28.59
CA ARG A 90 7.04 -13.28 28.47
C ARG A 90 7.28 -12.04 27.60
N PRO A 91 6.24 -11.50 26.97
CA PRO A 91 6.37 -10.27 26.21
C PRO A 91 6.34 -9.08 27.16
N THR A 92 6.99 -7.99 26.77
CA THR A 92 6.95 -6.78 27.56
C THR A 92 5.76 -5.97 27.08
N ARG A 93 5.54 -4.82 27.71
CA ARG A 93 4.51 -3.87 27.30
C ARG A 93 4.69 -3.53 25.81
N LEU A 94 5.92 -3.19 25.42
CA LEU A 94 6.21 -2.86 24.04
C LEU A 94 5.90 -4.11 23.19
N GLY A 95 6.34 -5.27 23.66
CA GLY A 95 6.14 -6.53 22.98
C GLY A 95 4.69 -6.90 22.69
N MET A 96 3.78 -6.41 23.53
CA MET A 96 2.35 -6.62 23.35
C MET A 96 1.86 -6.06 22.01
N LEU A 97 2.70 -5.26 21.35
CA LEU A 97 2.35 -4.71 20.05
C LEU A 97 2.27 -5.82 19.01
N LEU A 98 3.01 -6.91 19.24
CA LEU A 98 3.00 -8.04 18.29
C LEU A 98 1.88 -9.04 18.51
N ALA A 99 1.07 -8.87 19.54
CA ALA A 99 -0.11 -9.75 19.74
C ALA A 99 -1.07 -9.63 18.55
N ASP A 100 -1.57 -10.76 18.07
CA ASP A 100 -2.41 -10.77 16.87
C ASP A 100 -3.51 -9.74 16.78
N GLY A 101 -4.10 -9.37 17.90
CA GLY A 101 -5.24 -8.48 17.82
C GLY A 101 -5.06 -7.03 18.24
N HIS A 102 -3.83 -6.56 18.36
CA HIS A 102 -3.63 -5.16 18.71
C HIS A 102 -4.08 -4.33 17.52
N PRO A 103 -4.79 -3.22 17.79
CA PRO A 103 -5.36 -2.40 16.71
C PRO A 103 -4.31 -1.72 15.84
N ALA A 104 -3.07 -1.71 16.28
CA ALA A 104 -2.00 -1.10 15.51
C ALA A 104 -1.51 -2.07 14.44
N GLN A 105 -2.02 -3.29 14.52
CA GLN A 105 -1.78 -4.35 13.56
C GLN A 105 -0.28 -4.56 13.30
N GLN A 106 0.57 -4.28 14.27
CA GLN A 106 1.98 -4.35 14.02
C GLN A 106 2.43 -5.77 13.69
N ARG A 107 1.71 -6.76 14.20
CA ARG A 107 2.07 -8.13 13.88
C ARG A 107 1.85 -8.38 12.39
N ALA A 108 0.79 -7.81 11.85
CA ALA A 108 0.52 -7.93 10.43
C ALA A 108 1.52 -7.12 9.59
N TRP A 109 1.85 -5.91 10.02
CA TRP A 109 2.84 -5.12 9.30
C TRP A 109 4.19 -5.84 9.17
N LEU A 110 4.64 -6.46 10.24
CA LEU A 110 5.95 -7.12 10.26
C LEU A 110 5.95 -8.54 9.70
N ASP A 111 4.76 -9.12 9.53
CA ASP A 111 4.59 -10.50 9.03
C ASP A 111 5.24 -10.74 7.66
N LEU A 112 6.25 -11.59 7.67
CA LEU A 112 7.06 -11.86 6.49
C LEU A 112 6.22 -12.53 5.41
N ASN A 113 5.11 -13.13 5.84
CA ASN A 113 4.13 -13.71 4.93
C ASN A 113 3.33 -12.65 4.25
N GLY A 114 3.27 -11.47 4.86
CA GLY A 114 2.50 -10.36 4.35
C GLY A 114 3.25 -9.55 3.30
N ALA A 115 2.51 -8.79 2.51
CA ALA A 115 3.09 -8.02 1.41
C ALA A 115 4.08 -6.94 1.78
N VAL A 116 3.76 -6.17 2.81
CA VAL A 116 4.56 -5.02 3.19
C VAL A 116 5.95 -5.44 3.68
N SER A 117 5.99 -6.42 4.57
CA SER A 117 7.25 -6.90 5.13
C SER A 117 8.04 -7.60 4.04
N HIS A 118 7.36 -8.43 3.27
CA HIS A 118 7.94 -9.14 2.15
C HIS A 118 8.63 -8.15 1.24
N ALA A 119 7.93 -7.04 0.96
CA ALA A 119 8.46 -6.01 0.09
C ALA A 119 9.62 -5.24 0.74
N ASP A 120 9.51 -5.04 2.05
CA ASP A 120 10.52 -4.33 2.82
C ASP A 120 11.89 -4.97 2.61
N LEU A 121 11.92 -6.28 2.41
CA LEU A 121 13.18 -7.00 2.22
C LEU A 121 13.90 -6.51 0.96
N ALA A 122 13.14 -6.00 -0.01
CA ALA A 122 13.77 -5.46 -1.24
C ALA A 122 14.63 -4.25 -0.93
N PHE A 123 14.59 -3.78 0.32
CA PHE A 123 15.39 -2.63 0.69
C PHE A 123 16.89 -2.97 0.67
N THR A 124 17.23 -4.24 0.61
CA THR A 124 18.64 -4.60 0.50
C THR A 124 19.19 -4.13 -0.85
N GLY A 125 18.29 -3.83 -1.78
CA GLY A 125 18.72 -3.32 -3.08
C GLY A 125 18.65 -1.80 -3.20
N LEU A 126 18.58 -1.11 -2.06
CA LEU A 126 18.44 0.35 -2.03
C LEU A 126 19.55 1.12 -2.77
N LEU A 127 20.77 0.63 -2.76
CA LEU A 127 21.87 1.33 -3.42
C LEU A 127 21.54 1.50 -4.88
N ASP A 128 21.12 0.40 -5.50
CA ASP A 128 20.75 0.44 -6.91
C ASP A 128 19.54 1.37 -7.11
N VAL A 129 18.59 1.30 -6.20
CA VAL A 129 17.41 2.19 -6.24
C VAL A 129 17.85 3.66 -6.28
N VAL A 130 18.80 4.04 -5.44
CA VAL A 130 19.27 5.41 -5.44
C VAL A 130 20.12 5.69 -6.68
N ARG A 131 20.80 4.68 -7.18
CA ARG A 131 21.61 4.87 -8.38
C ARG A 131 20.80 5.05 -9.65
N THR A 132 19.76 4.23 -9.82
CA THR A 132 18.99 4.21 -11.06
C THR A 132 17.61 4.85 -10.97
N GLY A 133 17.08 5.01 -9.75
CA GLY A 133 15.72 5.50 -9.61
C GLY A 133 14.67 4.42 -9.84
N ARG A 134 15.13 3.20 -10.06
CA ARG A 134 14.24 2.07 -10.32
C ARG A 134 13.99 1.23 -9.06
N PRO A 135 12.78 0.67 -8.96
CA PRO A 135 12.40 -0.15 -7.80
C PRO A 135 13.20 -1.47 -7.71
N ALA A 136 13.38 -1.96 -6.49
CA ALA A 136 14.18 -3.17 -6.25
C ALA A 136 13.34 -4.42 -6.21
N TYR A 137 12.03 -4.25 -6.09
CA TYR A 137 11.15 -5.40 -5.88
C TYR A 137 11.28 -6.54 -6.89
N ALA A 138 11.24 -6.22 -8.19
CA ALA A 138 11.33 -7.29 -9.19
C ALA A 138 12.67 -7.99 -9.14
N GLY A 139 13.73 -7.21 -8.92
CA GLY A 139 15.07 -7.77 -8.82
C GLY A 139 15.16 -8.80 -7.72
N ARG A 140 14.34 -8.64 -6.70
CA ARG A 140 14.36 -9.61 -5.62
C ARG A 140 13.40 -10.78 -5.87
N TYR A 141 12.18 -10.47 -6.31
CA TYR A 141 11.17 -11.53 -6.39
C TYR A 141 10.82 -12.10 -7.76
N GLY A 142 11.36 -11.50 -8.82
CA GLY A 142 11.15 -12.01 -10.16
C GLY A 142 10.21 -11.17 -11.02
N ARG A 143 9.23 -10.52 -10.41
CA ARG A 143 8.29 -9.67 -11.14
C ARG A 143 7.93 -8.43 -10.34
N PRO A 144 7.45 -7.37 -11.01
CA PRO A 144 7.11 -6.13 -10.31
C PRO A 144 5.98 -6.30 -9.29
N PHE A 145 6.03 -5.46 -8.28
CA PHE A 145 5.12 -5.48 -7.15
C PHE A 145 3.66 -5.83 -7.49
N TRP A 146 3.00 -5.00 -8.27
CA TRP A 146 1.58 -5.23 -8.59
C TRP A 146 1.28 -6.54 -9.33
N GLU A 147 2.20 -6.97 -10.17
CA GLU A 147 2.04 -8.24 -10.88
C GLU A 147 2.19 -9.39 -9.87
N ASP A 148 3.07 -9.21 -8.90
CA ASP A 148 3.27 -10.23 -7.86
C ASP A 148 1.99 -10.33 -7.02
N LEU A 149 1.50 -9.19 -6.53
CA LEU A 149 0.26 -9.16 -5.75
C LEU A 149 -0.91 -9.73 -6.54
N SER A 150 -0.94 -9.47 -7.85
CA SER A 150 -2.04 -9.96 -8.69
C SER A 150 -2.11 -11.47 -8.74
N ALA A 151 -0.95 -12.07 -8.89
CA ALA A 151 -0.85 -13.52 -8.99
C ALA A 151 -0.89 -14.23 -7.63
N ASP A 152 -0.66 -13.48 -6.56
CA ASP A 152 -0.61 -14.09 -5.23
C ASP A 152 -1.62 -13.47 -4.27
N VAL A 153 -2.76 -14.13 -4.11
CA VAL A 153 -3.86 -13.61 -3.30
C VAL A 153 -3.48 -13.36 -1.85
N ALA A 154 -2.53 -14.14 -1.32
CA ALA A 154 -2.13 -13.91 0.07
C ALA A 154 -1.42 -12.58 0.21
N LEU A 155 -0.59 -12.22 -0.77
CA LEU A 155 0.11 -10.93 -0.74
C LEU A 155 -0.90 -9.80 -0.96
N ALA A 156 -1.74 -9.97 -1.97
CA ALA A 156 -2.77 -8.99 -2.31
C ALA A 156 -3.69 -8.69 -1.13
N ASP A 157 -4.24 -9.73 -0.54
CA ASP A 157 -5.15 -9.50 0.56
C ASP A 157 -4.43 -8.91 1.76
N SER A 158 -3.20 -9.39 2.00
CA SER A 158 -2.41 -8.88 3.14
C SER A 158 -2.05 -7.41 2.95
N PHE A 159 -1.69 -7.04 1.73
CA PHE A 159 -1.42 -5.62 1.44
C PHE A 159 -2.68 -4.78 1.66
N ASP A 160 -3.79 -5.23 1.08
CA ASP A 160 -5.04 -4.52 1.23
C ASP A 160 -5.51 -4.38 2.69
N ALA A 161 -5.32 -5.41 3.50
CA ALA A 161 -5.84 -5.40 4.87
C ALA A 161 -5.26 -4.31 5.78
N LEU A 162 -4.15 -3.73 5.39
CA LEU A 162 -3.46 -2.75 6.21
C LEU A 162 -3.73 -1.33 5.76
N MET A 163 -4.49 -1.18 4.67
CA MET A 163 -4.78 0.15 4.13
C MET A 163 -6.17 0.64 4.50
N SER A 164 -6.24 1.89 4.92
CA SER A 164 -7.50 2.53 5.26
C SER A 164 -8.45 2.57 4.06
N CYS A 165 -7.90 2.65 2.84
CA CYS A 165 -8.73 2.68 1.64
C CYS A 165 -9.58 1.43 1.48
N ASP A 166 -9.15 0.35 2.12
CA ASP A 166 -9.85 -0.93 2.02
C ASP A 166 -11.07 -1.00 2.94
N GLU A 167 -11.26 0.01 3.78
CA GLU A 167 -12.38 0.03 4.72
C GLU A 167 -13.76 0.26 4.09
N ASP A 168 -14.79 -0.16 4.83
CA ASP A 168 -16.18 -0.09 4.41
C ASP A 168 -16.64 1.25 3.79
N LEU A 169 -16.34 2.35 4.47
CA LEU A 169 -16.78 3.68 4.02
C LEU A 169 -15.65 4.53 3.44
N ALA A 170 -14.55 3.90 3.07
CA ALA A 170 -13.37 4.61 2.59
C ALA A 170 -13.62 5.68 1.52
N TYR A 171 -14.50 5.38 0.59
CA TYR A 171 -14.68 6.24 -0.57
C TYR A 171 -15.90 7.18 -0.53
N GLU A 172 -16.64 7.16 0.57
CA GLU A 172 -17.83 8.01 0.66
C GLU A 172 -17.54 9.49 0.49
N ALA A 173 -16.55 9.98 1.22
CA ALA A 173 -16.22 11.39 1.16
C ALA A 173 -15.72 11.87 -0.21
N PRO A 174 -14.71 11.24 -0.81
CA PRO A 174 -14.33 11.59 -2.19
C PRO A 174 -15.51 11.48 -3.15
N ALA A 175 -16.30 10.41 -3.09
CA ALA A 175 -17.46 10.28 -3.97
C ALA A 175 -18.46 11.41 -3.74
N ASP A 176 -18.54 11.86 -2.49
CA ASP A 176 -19.42 12.95 -2.09
C ASP A 176 -18.93 14.28 -2.63
N ALA A 177 -17.61 14.37 -2.84
CA ALA A 177 -16.96 15.59 -3.28
C ALA A 177 -17.11 15.98 -4.77
N TYR A 178 -17.66 15.07 -5.58
CA TYR A 178 -17.82 15.35 -7.01
C TYR A 178 -19.23 15.04 -7.49
N ASP A 179 -19.74 15.90 -8.37
CA ASP A 179 -21.05 15.73 -8.95
C ASP A 179 -21.04 14.76 -10.14
N TRP A 180 -21.61 13.58 -9.92
CA TRP A 180 -21.69 12.56 -10.95
C TRP A 180 -23.04 12.54 -11.67
N SER A 181 -23.92 13.47 -11.31
CA SER A 181 -25.30 13.50 -11.84
C SER A 181 -25.40 13.46 -13.36
N ALA A 182 -24.50 14.16 -14.05
CA ALA A 182 -24.57 14.21 -15.49
C ALA A 182 -23.51 13.35 -16.16
N VAL A 183 -22.77 12.60 -15.36
CA VAL A 183 -21.71 11.75 -15.90
C VAL A 183 -22.23 10.41 -16.42
N ARG A 184 -21.96 10.13 -17.69
CA ARG A 184 -22.45 8.93 -18.38
C ARG A 184 -21.65 7.63 -18.26
N HIS A 185 -20.32 7.73 -18.35
CA HIS A 185 -19.47 6.55 -18.40
C HIS A 185 -18.13 6.88 -17.74
N VAL A 186 -17.76 6.12 -16.71
CA VAL A 186 -16.50 6.33 -16.01
C VAL A 186 -15.58 5.18 -16.38
N LEU A 187 -14.40 5.51 -16.88
CA LEU A 187 -13.37 4.52 -17.16
C LEU A 187 -12.49 4.61 -15.92
N ASP A 188 -12.42 3.51 -15.19
CA ASP A 188 -11.72 3.44 -13.91
C ASP A 188 -10.42 2.67 -14.15
N VAL A 189 -9.36 3.43 -14.46
CA VAL A 189 -8.05 2.87 -14.84
C VAL A 189 -7.25 2.41 -13.61
N GLY A 190 -6.99 1.10 -13.52
CA GLY A 190 -6.32 0.55 -12.35
C GLY A 190 -7.21 0.75 -11.15
N GLY A 191 -8.49 0.44 -11.32
CA GLY A 191 -9.46 0.68 -10.27
C GLY A 191 -9.40 -0.24 -9.05
N GLY A 192 -8.43 -1.15 -8.99
CA GLY A 192 -8.33 -2.07 -7.87
C GLY A 192 -9.59 -2.92 -7.75
N ASN A 193 -10.12 -3.08 -6.54
CA ASN A 193 -11.34 -3.84 -6.38
C ASN A 193 -12.64 -3.04 -6.56
N GLY A 194 -12.53 -1.80 -7.06
CA GLY A 194 -13.73 -1.06 -7.41
C GLY A 194 -14.43 -0.20 -6.37
N GLY A 195 -13.79 0.00 -5.22
CA GLY A 195 -14.34 0.82 -4.14
C GLY A 195 -14.84 2.20 -4.57
N MET A 196 -13.99 2.98 -5.25
CA MET A 196 -14.44 4.31 -5.70
C MET A 196 -15.56 4.21 -6.74
N LEU A 197 -15.41 3.32 -7.71
CA LEU A 197 -16.39 3.16 -8.76
C LEU A 197 -17.75 2.77 -8.20
N ALA A 198 -17.75 1.90 -7.20
CA ALA A 198 -18.98 1.45 -6.58
C ALA A 198 -19.66 2.60 -5.87
N ALA A 199 -18.91 3.34 -5.08
CA ALA A 199 -19.48 4.48 -4.38
C ALA A 199 -20.08 5.48 -5.37
N ILE A 200 -19.46 5.57 -6.55
CA ILE A 200 -19.92 6.46 -7.61
C ILE A 200 -21.18 5.90 -8.24
N ALA A 201 -21.12 4.65 -8.68
CA ALA A 201 -22.25 4.00 -9.29
C ALA A 201 -23.48 4.02 -8.39
N LEU A 202 -23.27 3.92 -7.09
CA LEU A 202 -24.41 3.93 -6.17
C LEU A 202 -25.07 5.30 -6.10
N ARG A 203 -24.28 6.36 -6.16
CA ARG A 203 -24.75 7.74 -6.14
C ARG A 203 -25.35 8.16 -7.50
N ALA A 204 -25.03 7.44 -8.55
CA ALA A 204 -25.47 7.83 -9.90
C ALA A 204 -26.06 6.63 -10.64
N PRO A 205 -27.35 6.39 -10.42
CA PRO A 205 -27.99 5.17 -10.92
C PRO A 205 -27.93 4.95 -12.42
N HIS A 206 -27.78 6.02 -13.20
CA HIS A 206 -27.79 5.89 -14.64
C HIS A 206 -26.39 5.78 -15.23
N LEU A 207 -25.39 6.03 -14.40
CA LEU A 207 -23.96 6.03 -14.75
C LEU A 207 -23.54 4.61 -15.11
N ARG A 208 -22.71 4.50 -16.15
CA ARG A 208 -22.10 3.24 -16.51
C ARG A 208 -20.59 3.28 -16.19
N GLY A 209 -20.01 2.13 -15.93
CA GLY A 209 -18.62 2.07 -15.57
C GLY A 209 -17.87 0.92 -16.20
N THR A 210 -16.59 1.18 -16.45
CA THR A 210 -15.65 0.20 -16.96
C THR A 210 -14.38 0.25 -16.11
N LEU A 211 -14.07 -0.85 -15.43
CA LEU A 211 -12.86 -0.92 -14.61
C LEU A 211 -11.80 -1.79 -15.31
N VAL A 212 -10.61 -1.22 -15.49
CA VAL A 212 -9.47 -1.92 -16.08
C VAL A 212 -8.46 -2.27 -14.98
N GLU A 213 -8.10 -3.55 -14.88
CA GLU A 213 -7.22 -4.01 -13.82
C GLU A 213 -6.47 -5.29 -14.23
N LEU A 214 -5.48 -5.66 -13.42
CA LEU A 214 -4.77 -6.94 -13.55
C LEU A 214 -5.76 -8.03 -13.08
N ALA A 215 -5.47 -9.30 -13.36
CA ALA A 215 -6.42 -10.36 -13.02
C ALA A 215 -6.90 -10.39 -11.55
N GLY A 216 -5.95 -10.33 -10.61
CA GLY A 216 -6.25 -10.38 -9.19
C GLY A 216 -7.34 -9.41 -8.75
N PRO A 217 -7.05 -8.12 -8.79
CA PRO A 217 -8.05 -7.12 -8.39
C PRO A 217 -9.31 -7.19 -9.28
N ALA A 218 -9.17 -7.55 -10.55
CA ALA A 218 -10.32 -7.60 -11.45
C ALA A 218 -11.36 -8.57 -10.91
N GLU A 219 -10.90 -9.75 -10.50
CA GLU A 219 -11.76 -10.77 -9.91
C GLU A 219 -12.45 -10.24 -8.67
N ARG A 220 -11.71 -9.56 -7.79
CA ARG A 220 -12.32 -8.99 -6.58
C ARG A 220 -13.29 -7.86 -6.90
N ALA A 221 -13.04 -7.10 -7.95
CA ALA A 221 -13.95 -6.02 -8.30
C ALA A 221 -15.23 -6.62 -8.87
N ARG A 222 -15.11 -7.67 -9.66
CA ARG A 222 -16.30 -8.32 -10.20
C ARG A 222 -17.27 -8.67 -9.08
N ARG A 223 -16.73 -9.26 -8.01
CA ARG A 223 -17.53 -9.64 -6.85
C ARG A 223 -18.16 -8.45 -6.16
N ARG A 224 -17.40 -7.38 -5.98
CA ARG A 224 -17.88 -6.17 -5.33
C ARG A 224 -19.06 -5.61 -6.11
N PHE A 225 -18.93 -5.54 -7.43
CA PHE A 225 -20.00 -5.01 -8.27
C PHE A 225 -21.26 -5.89 -8.24
N ALA A 226 -21.09 -7.21 -8.21
CA ALA A 226 -22.19 -8.15 -8.14
C ALA A 226 -22.88 -7.99 -6.79
N ASP A 227 -22.09 -7.95 -5.72
CA ASP A 227 -22.63 -7.79 -4.39
C ASP A 227 -23.49 -6.54 -4.27
N ALA A 228 -23.09 -5.50 -5.01
CA ALA A 228 -23.79 -4.23 -4.93
C ALA A 228 -24.95 -4.06 -5.92
N GLY A 229 -25.19 -5.06 -6.77
CA GLY A 229 -26.24 -4.98 -7.76
C GLY A 229 -25.88 -4.04 -8.91
N LEU A 230 -24.59 -3.98 -9.24
CA LEU A 230 -24.06 -3.07 -10.23
C LEU A 230 -23.56 -3.72 -11.53
N ALA A 231 -23.54 -5.04 -11.62
CA ALA A 231 -22.99 -5.74 -12.79
C ALA A 231 -23.67 -5.40 -14.11
N ASP A 232 -24.91 -4.95 -14.03
CA ASP A 232 -25.67 -4.58 -15.21
C ASP A 232 -25.10 -3.34 -15.90
N ARG A 233 -24.40 -2.50 -15.16
CA ARG A 233 -23.88 -1.26 -15.75
C ARG A 233 -22.40 -0.97 -15.47
N VAL A 234 -21.78 -1.78 -14.62
CA VAL A 234 -20.36 -1.65 -14.33
C VAL A 234 -19.69 -2.95 -14.71
N THR A 235 -18.79 -2.91 -15.69
CA THR A 235 -18.12 -4.11 -16.13
C THR A 235 -16.64 -4.06 -15.82
N VAL A 236 -16.05 -5.23 -15.72
CA VAL A 236 -14.65 -5.37 -15.41
C VAL A 236 -13.93 -5.88 -16.63
N ALA A 237 -12.84 -5.23 -16.98
CA ALA A 237 -12.03 -5.67 -18.10
C ALA A 237 -10.60 -5.91 -17.60
N GLU A 238 -10.09 -7.11 -17.77
CA GLU A 238 -8.70 -7.39 -17.42
C GLU A 238 -7.86 -6.71 -18.46
N GLY A 239 -6.90 -5.88 -18.03
CA GLY A 239 -6.07 -5.16 -18.98
C GLY A 239 -4.81 -4.57 -18.41
N ASP A 240 -3.97 -4.06 -19.30
CA ASP A 240 -2.69 -3.47 -18.92
C ASP A 240 -2.79 -1.99 -19.25
N PHE A 241 -2.82 -1.14 -18.24
CA PHE A 241 -2.99 0.27 -18.52
C PHE A 241 -1.80 0.96 -19.20
N PHE A 242 -0.77 0.16 -19.53
CA PHE A 242 0.33 0.63 -20.35
C PHE A 242 0.01 0.47 -21.84
N LYS A 243 -1.02 -0.33 -22.14
CA LYS A 243 -1.51 -0.52 -23.51
C LYS A 243 -2.70 0.40 -23.76
N PRO A 244 -3.09 0.58 -25.02
CA PRO A 244 -4.26 1.42 -25.33
C PRO A 244 -5.47 0.93 -24.56
N LEU A 245 -6.21 1.86 -23.97
CA LEU A 245 -7.36 1.46 -23.17
C LEU A 245 -8.47 0.97 -24.10
N PRO A 246 -9.30 0.09 -23.56
CA PRO A 246 -10.28 -0.65 -24.36
C PRO A 246 -11.54 0.11 -24.74
N VAL A 247 -11.83 1.22 -24.09
CA VAL A 247 -13.04 1.99 -24.35
C VAL A 247 -12.76 3.47 -24.09
N THR A 248 -13.70 4.32 -24.49
CA THR A 248 -13.64 5.76 -24.22
C THR A 248 -14.70 6.10 -23.18
N ALA A 249 -14.65 7.30 -22.62
CA ALA A 249 -15.57 7.66 -21.56
C ALA A 249 -15.51 9.16 -21.36
N ASP A 250 -16.60 9.76 -20.87
CA ASP A 250 -16.63 11.20 -20.62
C ASP A 250 -15.93 11.50 -19.31
N VAL A 251 -15.65 10.46 -18.53
CA VAL A 251 -14.82 10.61 -17.35
C VAL A 251 -13.80 9.48 -17.27
N VAL A 252 -12.53 9.83 -17.12
CA VAL A 252 -11.45 8.87 -16.91
C VAL A 252 -10.94 9.13 -15.49
N LEU A 253 -10.91 8.06 -14.70
CA LEU A 253 -10.56 8.13 -13.28
C LEU A 253 -9.28 7.38 -12.94
N LEU A 254 -8.38 8.08 -12.24
CA LEU A 254 -7.16 7.48 -11.71
C LEU A 254 -7.23 7.68 -10.20
N SER A 255 -7.69 6.65 -9.48
CA SER A 255 -7.86 6.70 -8.03
C SER A 255 -6.69 6.03 -7.33
N PHE A 256 -5.84 6.85 -6.71
CA PHE A 256 -4.62 6.33 -6.08
C PHE A 256 -3.85 5.41 -7.01
N VAL A 257 -3.56 5.88 -8.22
CA VAL A 257 -2.74 5.12 -9.16
C VAL A 257 -1.40 5.81 -9.49
N LEU A 258 -1.44 7.11 -9.76
CA LEU A 258 -0.22 7.83 -10.18
C LEU A 258 0.94 7.77 -9.20
N LEU A 259 0.62 7.86 -7.91
CA LEU A 259 1.61 7.79 -6.85
C LEU A 259 2.42 6.49 -6.88
N ASN A 260 1.90 5.46 -7.56
CA ASN A 260 2.61 4.18 -7.65
C ASN A 260 3.66 4.17 -8.76
N TRP A 261 3.78 5.25 -9.51
CA TRP A 261 4.63 5.22 -10.70
C TRP A 261 5.63 6.36 -10.84
N SER A 262 6.78 6.05 -11.44
CA SER A 262 7.78 7.07 -11.69
C SER A 262 7.20 8.15 -12.60
N ASP A 263 7.84 9.31 -12.61
CA ASP A 263 7.39 10.39 -13.48
C ASP A 263 7.21 9.84 -14.89
N GLU A 264 8.14 9.01 -15.33
CA GLU A 264 8.10 8.49 -16.69
C GLU A 264 6.90 7.56 -16.91
N ASP A 265 6.71 6.62 -15.99
CA ASP A 265 5.62 5.67 -16.15
C ASP A 265 4.27 6.35 -15.97
N ALA A 266 4.22 7.31 -15.05
CA ALA A 266 3.00 8.03 -14.82
C ALA A 266 2.60 8.83 -16.06
N LEU A 267 3.59 9.34 -16.78
CA LEU A 267 3.32 10.11 -17.99
C LEU A 267 2.73 9.21 -19.07
N THR A 268 3.31 8.02 -19.26
CA THR A 268 2.77 7.09 -20.25
C THR A 268 1.32 6.68 -19.91
N ILE A 269 1.02 6.50 -18.62
CA ILE A 269 -0.33 6.18 -18.18
C ILE A 269 -1.33 7.30 -18.54
N LEU A 270 -0.96 8.54 -18.22
CA LEU A 270 -1.82 9.69 -18.50
C LEU A 270 -2.06 9.90 -19.99
N ARG A 271 -1.01 9.77 -20.78
CA ARG A 271 -1.15 9.86 -22.22
C ARG A 271 -2.17 8.84 -22.66
N GLY A 272 -2.11 7.66 -22.07
CA GLY A 272 -3.07 6.60 -22.38
C GLY A 272 -4.49 7.02 -22.00
N CYS A 273 -4.62 7.67 -20.86
CA CYS A 273 -5.91 8.14 -20.37
C CYS A 273 -6.47 9.25 -21.23
N VAL A 274 -5.61 10.19 -21.64
CA VAL A 274 -6.06 11.29 -22.46
C VAL A 274 -6.66 10.77 -23.77
N ARG A 275 -6.03 9.72 -24.31
CA ARG A 275 -6.45 9.10 -25.53
C ARG A 275 -7.83 8.44 -25.43
N ALA A 276 -8.18 7.97 -24.24
CA ALA A 276 -9.50 7.37 -24.06
C ALA A 276 -10.55 8.38 -23.60
N LEU A 277 -10.14 9.62 -23.41
CA LEU A 277 -11.05 10.65 -22.92
C LEU A 277 -11.84 11.25 -24.06
N GLU A 278 -13.15 11.09 -24.01
CA GLU A 278 -14.06 11.65 -25.02
C GLU A 278 -14.02 13.18 -25.01
N PRO A 279 -14.22 13.80 -26.17
CA PRO A 279 -14.17 15.26 -26.28
C PRO A 279 -15.08 15.93 -25.24
N GLY A 280 -14.59 16.99 -24.60
CA GLY A 280 -15.33 17.68 -23.57
C GLY A 280 -15.31 16.95 -22.22
N GLY A 281 -14.77 15.74 -22.21
CA GLY A 281 -14.74 14.93 -21.02
C GLY A 281 -13.86 15.47 -19.90
N ARG A 282 -13.87 14.78 -18.76
CA ARG A 282 -13.05 15.18 -17.61
C ARG A 282 -12.16 14.03 -17.13
N LEU A 283 -10.87 14.33 -16.92
CA LEU A 283 -9.96 13.33 -16.37
C LEU A 283 -9.78 13.67 -14.89
N LEU A 284 -10.03 12.70 -14.02
CA LEU A 284 -9.94 12.96 -12.59
C LEU A 284 -8.85 12.12 -11.94
N VAL A 285 -7.99 12.79 -11.18
CA VAL A 285 -6.99 12.11 -10.38
C VAL A 285 -7.39 12.26 -8.94
N LEU A 286 -7.72 11.15 -8.30
CA LEU A 286 -8.01 11.15 -6.88
C LEU A 286 -6.77 10.56 -6.25
N ASP A 287 -6.17 11.29 -5.31
CA ASP A 287 -4.96 10.79 -4.67
C ASP A 287 -4.78 11.59 -3.39
N ARG A 288 -3.62 11.46 -2.75
CA ARG A 288 -3.27 12.22 -1.54
C ARG A 288 -3.16 11.31 -0.32
N ALA A 296 8.67 12.54 14.35
CA ALA A 296 7.28 12.19 14.07
C ALA A 296 6.90 12.53 12.63
N ASP A 297 5.77 13.20 12.46
CA ASP A 297 5.17 13.48 11.15
C ASP A 297 6.09 13.38 9.92
N ARG A 298 7.30 13.92 10.02
CA ARG A 298 8.26 13.90 8.89
C ARG A 298 8.81 12.48 8.69
N PHE A 299 9.05 11.76 9.78
CA PHE A 299 9.57 10.41 9.66
C PHE A 299 8.67 9.55 8.79
N PHE A 300 7.39 9.54 9.13
CA PHE A 300 6.41 8.69 8.45
C PHE A 300 6.22 9.00 6.97
N SER A 301 6.23 10.28 6.59
CA SER A 301 6.12 10.57 5.16
C SER A 301 7.37 10.12 4.43
N THR A 302 8.56 10.33 5.01
CA THR A 302 9.76 9.90 4.29
C THR A 302 9.88 8.37 4.21
N LEU A 303 9.34 7.69 5.22
CA LEU A 303 9.32 6.23 5.25
C LEU A 303 8.49 5.74 4.09
N LEU A 304 7.28 6.29 3.99
CA LEU A 304 6.33 5.95 2.95
C LEU A 304 6.93 6.22 1.58
N ASP A 305 7.53 7.39 1.46
CA ASP A 305 8.17 7.79 0.23
C ASP A 305 9.23 6.74 -0.23
N LEU A 306 10.08 6.30 0.69
CA LEU A 306 11.11 5.33 0.31
C LEU A 306 10.51 3.97 -0.05
N ARG A 307 9.49 3.55 0.70
CA ARG A 307 8.80 2.30 0.37
C ARG A 307 8.23 2.37 -1.04
N MET A 308 7.54 3.46 -1.33
CA MET A 308 6.94 3.65 -2.65
C MET A 308 8.01 3.60 -3.73
N LEU A 309 9.10 4.32 -3.51
CA LEU A 309 10.22 4.30 -4.46
C LEU A 309 10.79 2.89 -4.61
N THR A 310 11.05 2.25 -3.47
CA THR A 310 11.69 0.94 -3.45
C THR A 310 10.78 -0.18 -3.94
N PHE A 311 9.51 -0.11 -3.54
CA PHE A 311 8.54 -1.18 -3.90
C PHE A 311 8.11 -1.10 -5.36
N MET A 312 7.81 0.10 -5.83
CA MET A 312 7.24 0.20 -7.16
C MET A 312 7.70 1.34 -8.06
N GLY A 313 8.65 2.14 -7.61
CA GLY A 313 9.20 3.20 -8.43
C GLY A 313 8.41 4.49 -8.46
N GLY A 314 7.54 4.72 -7.49
CA GLY A 314 6.72 5.91 -7.47
C GLY A 314 6.97 6.83 -6.30
N ARG A 315 6.10 7.81 -6.13
CA ARG A 315 6.27 8.77 -5.04
C ARG A 315 5.02 9.59 -4.83
N VAL A 316 4.87 10.13 -3.63
CA VAL A 316 3.74 11.00 -3.39
C VAL A 316 4.10 12.34 -4.01
N ARG A 317 3.29 12.78 -4.96
CA ARG A 317 3.55 14.04 -5.61
C ARG A 317 2.71 15.14 -4.98
N THR A 318 3.26 16.34 -4.88
CA THR A 318 2.50 17.49 -4.41
C THR A 318 1.53 17.84 -5.54
N ARG A 319 0.63 18.77 -5.29
CA ARG A 319 -0.36 19.22 -6.28
C ARG A 319 0.33 19.65 -7.58
N ASP A 320 1.07 20.75 -7.53
CA ASP A 320 1.76 21.30 -8.69
C ASP A 320 2.43 20.23 -9.55
N GLU A 321 3.15 19.31 -8.91
CA GLU A 321 3.83 18.24 -9.60
C GLU A 321 2.91 17.40 -10.50
N VAL A 322 1.69 17.13 -10.03
CA VAL A 322 0.75 16.36 -10.82
C VAL A 322 0.22 17.23 -11.94
N VAL A 323 0.08 18.52 -11.64
CA VAL A 323 -0.41 19.49 -12.62
C VAL A 323 0.55 19.59 -13.81
N ASP A 324 1.84 19.70 -13.51
CA ASP A 324 2.87 19.78 -14.54
C ASP A 324 2.95 18.46 -15.31
N LEU A 325 2.79 17.35 -14.59
CA LEU A 325 2.84 16.05 -15.23
C LEU A 325 1.63 15.94 -16.15
N ALA A 326 0.48 16.41 -15.68
CA ALA A 326 -0.72 16.38 -16.50
C ALA A 326 -0.55 17.32 -17.67
N GLY A 327 0.03 18.48 -17.42
CA GLY A 327 0.28 19.45 -18.47
C GLY A 327 1.06 18.82 -19.61
N SER A 328 2.05 18.01 -19.25
CA SER A 328 2.87 17.33 -20.26
C SER A 328 2.13 16.21 -20.97
N ALA A 329 0.97 15.84 -20.44
CA ALA A 329 0.12 14.83 -21.06
C ALA A 329 -0.98 15.50 -21.87
N GLY A 330 -0.93 16.83 -21.99
CA GLY A 330 -1.91 17.52 -22.78
C GLY A 330 -3.18 17.82 -21.99
N LEU A 331 -3.01 17.97 -20.68
CA LEU A 331 -4.14 18.24 -19.80
C LEU A 331 -3.96 19.59 -19.11
N ALA A 332 -5.07 20.28 -18.86
CA ALA A 332 -5.03 21.54 -18.15
C ALA A 332 -5.90 21.43 -16.91
N LEU A 333 -5.46 22.01 -15.80
CA LEU A 333 -6.24 21.95 -14.56
C LEU A 333 -7.58 22.66 -14.70
N ALA A 334 -8.67 21.97 -14.42
CA ALA A 334 -10.00 22.55 -14.51
C ALA A 334 -10.54 22.92 -13.15
N SER A 335 -10.24 22.08 -12.16
CA SER A 335 -10.64 22.35 -10.80
C SER A 335 -9.93 21.40 -9.84
N GLU A 336 -9.83 21.82 -8.59
CA GLU A 336 -9.15 21.03 -7.57
C GLU A 336 -9.94 21.09 -6.26
N ARG A 337 -9.91 20.00 -5.51
CA ARG A 337 -10.58 19.93 -4.22
C ARG A 337 -9.91 18.94 -3.30
N THR A 338 -9.55 19.40 -2.10
CA THR A 338 -9.04 18.50 -1.09
C THR A 338 -9.97 18.58 0.11
N SER A 339 -10.21 17.43 0.73
CA SER A 339 -11.13 17.35 1.85
C SER A 339 -10.69 16.22 2.74
N GLY A 340 -11.26 16.15 3.93
CA GLY A 340 -10.90 15.10 4.86
C GLY A 340 -12.00 14.08 5.00
N SER A 341 -11.67 12.96 5.65
CA SER A 341 -12.64 11.93 5.93
C SER A 341 -12.40 11.44 7.35
N THR A 342 -13.41 10.80 7.89
CA THR A 342 -13.32 10.22 9.21
C THR A 342 -12.57 8.90 9.08
N THR A 343 -12.69 8.27 7.91
CA THR A 343 -12.05 6.97 7.67
C THR A 343 -10.53 7.07 7.46
N LEU A 344 -10.13 7.87 6.47
CA LEU A 344 -8.73 8.01 6.07
C LEU A 344 -7.83 8.79 7.03
N PRO A 345 -6.62 8.28 7.27
CA PRO A 345 -5.62 8.94 8.13
C PRO A 345 -4.98 10.13 7.41
N PHE A 346 -5.39 10.36 6.17
CA PHE A 346 -4.83 11.44 5.38
C PHE A 346 -5.96 12.08 4.59
N ASP A 347 -5.88 13.38 4.39
CA ASP A 347 -6.88 14.05 3.56
C ASP A 347 -6.70 13.58 2.13
N PHE A 348 -7.78 13.61 1.37
CA PHE A 348 -7.69 13.27 -0.04
C PHE A 348 -7.92 14.51 -0.91
N SER A 349 -7.55 14.37 -2.17
CA SER A 349 -7.69 15.43 -3.15
C SER A 349 -8.08 14.91 -4.54
N ILE A 350 -8.95 15.66 -5.24
CA ILE A 350 -9.35 15.37 -6.62
C ILE A 350 -8.95 16.46 -7.61
N LEU A 351 -8.01 16.14 -8.50
CA LEU A 351 -7.59 17.06 -9.54
C LEU A 351 -8.42 16.78 -10.79
N GLU A 352 -9.12 17.79 -11.28
CA GLU A 352 -9.95 17.61 -12.47
C GLU A 352 -9.34 18.32 -13.67
N PHE A 353 -9.13 17.57 -14.74
CA PHE A 353 -8.46 18.07 -15.92
C PHE A 353 -9.30 17.94 -17.19
N THR A 354 -9.04 18.80 -18.17
CA THR A 354 -9.65 18.71 -19.48
C THR A 354 -8.52 18.58 -20.48
N ALA A 355 -8.82 18.05 -21.66
CA ALA A 355 -7.82 17.97 -22.72
C ALA A 355 -7.61 19.40 -23.19
N VAL A 356 -6.37 19.88 -23.23
CA VAL A 356 -6.14 21.29 -23.59
C VAL A 356 -6.36 21.47 -25.11
N SER A 357 -6.39 20.35 -25.80
CA SER A 357 -6.67 20.32 -27.22
C SER A 357 -7.93 19.50 -27.37
C ACT B . -11.56 2.54 -7.62
O ACT B . -10.68 3.14 -8.32
OXT ACT B . -12.61 2.12 -8.20
CH3 ACT B . -11.37 2.36 -6.16
N SAM C . -8.00 2.43 -7.97
CA SAM C . -7.51 1.77 -6.74
C SAM C . -7.97 2.51 -5.50
O SAM C . -8.91 3.34 -5.57
OXT SAM C . -7.34 2.26 -4.43
CB SAM C . -5.99 1.64 -6.76
CG SAM C . -5.51 0.33 -6.20
SD SAM C . -3.70 0.28 -5.99
CE SAM C . -3.22 1.82 -5.21
C5' SAM C . -3.14 0.44 -7.67
C4' SAM C . -3.73 -0.50 -8.70
O4' SAM C . -3.07 -0.37 -10.00
C3' SAM C . -3.56 -1.97 -8.22
O3' SAM C . -4.85 -2.59 -8.05
C2' SAM C . -2.83 -2.65 -9.38
O2' SAM C . -3.31 -3.96 -9.70
C1' SAM C . -3.14 -1.66 -10.50
N9 SAM C . -2.20 -1.84 -11.58
C8 SAM C . -0.83 -1.83 -11.51
N7 SAM C . -0.35 -2.01 -12.72
C5 SAM C . -1.39 -2.15 -13.61
C6 SAM C . -1.48 -2.35 -15.02
N6 SAM C . -0.38 -2.47 -15.79
N1 SAM C . -2.69 -2.45 -15.56
C2 SAM C . -3.74 -2.33 -14.77
N3 SAM C . -3.76 -2.12 -13.45
C4 SAM C . -2.54 -2.05 -12.89
#